data_4GVO
#
_entry.id   4GVO
#
_cell.length_a   31.990
_cell.length_b   170.628
_cell.length_c   45.049
_cell.angle_alpha   90.00
_cell.angle_beta   96.37
_cell.angle_gamma   90.00
#
_symmetry.space_group_name_H-M   'P 1 21 1'
#
loop_
_entity.id
_entity.type
_entity.pdbx_description
1 polymer 'Lmo2349 protein'
2 non-polymer 'CHLORIDE ION'
3 non-polymer 'SODIUM ION'
4 non-polymer HISTIDINE
5 non-polymer 'S-OXY CYSTEINE'
6 water water
#
_entity_poly.entity_id   1
_entity_poly.type   'polypeptide(L)'
_entity_poly.pdbx_seq_one_letter_code
;SNAANQKVQTITVGTGTQFPNVCFLDENGKLTGYDVELVKEIDKRLPGYKFKFKTMDFSNLLVSLGAGKVDIVAHQMEKS
KEREKKFLFNDVAYNNFPLQLTVLDSNNSINSTKDLAGKRVITSATSNGALVLKKINEEQGNNFEIAYEGQGSNDTANQL
KTGRADATISTPFAVDFQNKTSAIKEKVVGDVLSNAKVYFMLGKDETKLSKKVDEALQSIIDDGTLKKLSEKWLGADYSK
EQY
;
_entity_poly.pdbx_strand_id   A,B
#
loop_
_chem_comp.id
_chem_comp.type
_chem_comp.name
_chem_comp.formula
CL non-polymer 'CHLORIDE ION' 'Cl -1'
NA non-polymer 'SODIUM ION' 'Na 1'
#
# COMPACT_ATOMS: atom_id res chain seq x y z
N VAL A 8 27.50 3.03 -32.88
CA VAL A 8 27.13 2.17 -31.69
C VAL A 8 26.18 2.90 -30.73
N GLN A 9 25.02 2.28 -30.41
CA GLN A 9 24.04 2.87 -29.49
CA GLN A 9 24.06 2.88 -29.49
C GLN A 9 24.24 2.35 -28.08
N THR A 10 24.33 3.25 -27.09
CA THR A 10 24.43 2.85 -25.68
C THR A 10 23.05 2.57 -25.15
N ILE A 11 22.92 1.41 -24.51
CA ILE A 11 21.66 0.95 -23.92
C ILE A 11 21.90 0.84 -22.43
N THR A 12 21.04 1.47 -21.65
CA THR A 12 21.11 1.40 -20.20
C THR A 12 20.14 0.36 -19.65
N VAL A 13 20.70 -0.59 -18.93
CA VAL A 13 19.98 -1.70 -18.34
C VAL A 13 19.82 -1.50 -16.85
N GLY A 14 18.59 -1.37 -16.38
CA GLY A 14 18.35 -1.35 -14.97
C GLY A 14 18.38 -2.75 -14.39
N THR A 15 19.08 -2.88 -13.28
CA THR A 15 19.07 -4.11 -12.51
C THR A 15 19.28 -3.81 -11.05
N GLY A 16 19.29 -4.86 -10.23
CA GLY A 16 19.48 -4.74 -8.79
C GLY A 16 20.85 -5.27 -8.35
N THR A 17 21.04 -5.26 -7.04
CA THR A 17 22.21 -5.85 -6.41
C THR A 17 21.86 -6.79 -5.27
N GLN A 18 20.56 -7.11 -5.09
CA GLN A 18 20.12 -7.83 -3.90
CA GLN A 18 20.11 -7.82 -3.90
C GLN A 18 19.42 -9.13 -4.25
N PHE A 19 19.80 -9.74 -5.37
CA PHE A 19 19.30 -11.08 -5.73
C PHE A 19 20.50 -11.99 -5.92
N PRO A 20 20.85 -12.74 -4.86
CA PRO A 20 22.04 -13.60 -4.97
C PRO A 20 22.01 -14.50 -6.18
N ASN A 21 23.15 -14.60 -6.86
CA ASN A 21 23.30 -15.38 -8.06
C ASN A 21 22.56 -14.89 -9.30
N VAL A 22 21.88 -13.76 -9.18
CA VAL A 22 21.07 -13.20 -10.28
C VAL A 22 21.54 -11.79 -10.64
N CYS A 23 21.63 -10.94 -9.63
CA CYS A 23 22.16 -9.57 -9.80
C CYS A 23 22.67 -9.12 -8.43
N PHE A 24 23.99 -9.09 -8.31
CA PHE A 24 24.63 -8.87 -7.04
C PHE A 24 26.06 -8.44 -7.27
N LEU A 25 26.69 -7.89 -6.22
CA LEU A 25 28.07 -7.48 -6.26
C LEU A 25 28.94 -8.57 -5.61
N ASP A 26 29.95 -9.01 -6.32
CA ASP A 26 30.87 -10.03 -5.75
C ASP A 26 31.90 -9.41 -4.79
N GLU A 27 32.90 -10.20 -4.39
CA GLU A 27 33.89 -9.76 -3.39
CA GLU A 27 33.91 -9.78 -3.41
C GLU A 27 34.76 -8.61 -3.89
N ASN A 28 34.83 -8.43 -5.20
CA ASN A 28 35.66 -7.39 -5.78
C ASN A 28 34.83 -6.21 -6.27
N GLY A 29 33.56 -6.15 -5.79
CA GLY A 29 32.66 -5.05 -6.09
C GLY A 29 32.23 -5.03 -7.54
N LYS A 30 32.27 -6.22 -8.14
CA LYS A 30 31.93 -6.38 -9.54
C LYS A 30 30.48 -6.91 -9.62
N LEU A 31 29.69 -6.25 -10.45
CA LEU A 31 28.31 -6.65 -10.64
C LEU A 31 28.28 -7.95 -11.48
N THR A 32 27.55 -8.94 -10.97
CA THR A 32 27.51 -10.23 -11.65
C THR A 32 26.22 -10.97 -11.29
N GLY A 33 26.13 -12.27 -11.62
CA GLY A 33 24.95 -13.08 -11.49
C GLY A 33 24.33 -13.38 -12.84
N TYR A 34 23.38 -14.33 -12.85
CA TYR A 34 22.78 -14.82 -14.09
C TYR A 34 22.30 -13.70 -15.02
N ASP A 35 21.50 -12.77 -14.54
CA ASP A 35 20.91 -11.78 -15.42
C ASP A 35 21.97 -10.83 -15.96
N VAL A 36 22.90 -10.44 -15.09
CA VAL A 36 23.99 -9.57 -15.48
C VAL A 36 24.87 -10.22 -16.52
N GLU A 37 25.28 -11.46 -16.27
CA GLU A 37 26.12 -12.17 -17.21
C GLU A 37 25.41 -12.46 -18.52
N LEU A 38 24.10 -12.73 -18.47
CA LEU A 38 23.34 -12.90 -19.71
C LEU A 38 23.35 -11.62 -20.54
N VAL A 39 23.08 -10.48 -19.93
CA VAL A 39 23.12 -9.20 -20.63
C VAL A 39 24.50 -8.96 -21.25
N LYS A 40 25.57 -9.28 -20.53
CA LYS A 40 26.92 -9.13 -21.08
CA LYS A 40 26.93 -9.11 -21.08
C LYS A 40 27.16 -10.02 -22.30
N GLU A 41 26.64 -11.23 -22.26
CA GLU A 41 26.70 -12.15 -23.39
C GLU A 41 25.91 -11.62 -24.58
N ILE A 42 24.73 -11.04 -24.33
CA ILE A 42 23.95 -10.42 -25.36
C ILE A 42 24.70 -9.25 -25.99
N ASP A 43 25.30 -8.42 -25.16
CA ASP A 43 26.07 -7.27 -25.65
C ASP A 43 27.19 -7.74 -26.61
N LYS A 44 27.87 -8.83 -26.25
CA LYS A 44 28.96 -9.34 -27.05
CA LYS A 44 28.96 -9.36 -27.09
C LYS A 44 28.48 -9.69 -28.48
N ARG A 45 27.23 -10.14 -28.59
CA ARG A 45 26.65 -10.57 -29.81
C ARG A 45 25.89 -9.50 -30.57
N LEU A 46 25.95 -8.27 -30.08
CA LEU A 46 25.25 -7.14 -30.74
C LEU A 46 26.25 -6.01 -30.92
N PRO A 47 27.01 -6.07 -32.01
CA PRO A 47 28.05 -5.04 -32.19
C PRO A 47 27.55 -3.62 -32.40
N GLY A 48 26.28 -3.46 -32.75
CA GLY A 48 25.71 -2.12 -32.90
C GLY A 48 25.24 -1.48 -31.61
N TYR A 49 25.42 -2.19 -30.50
CA TYR A 49 24.93 -1.70 -29.22
C TYR A 49 26.03 -1.87 -28.17
N LYS A 50 26.00 -1.03 -27.15
CA LYS A 50 26.86 -1.17 -25.96
C LYS A 50 25.91 -1.11 -24.77
N PHE A 51 25.96 -2.13 -23.94
CA PHE A 51 25.05 -2.21 -22.79
C PHE A 51 25.82 -1.78 -21.55
N LYS A 52 25.20 -0.92 -20.78
CA LYS A 52 25.73 -0.54 -19.51
C LYS A 52 24.64 -0.68 -18.45
N PHE A 53 25.06 -0.86 -17.19
CA PHE A 53 24.10 -1.07 -16.13
C PHE A 53 23.89 0.20 -15.31
N LYS A 54 22.67 0.26 -14.78
CA LYS A 54 22.27 1.23 -13.77
CA LYS A 54 22.27 1.24 -13.77
C LYS A 54 21.59 0.46 -12.65
N THR A 55 22.26 0.36 -11.50
CA THR A 55 21.74 -0.40 -10.39
C THR A 55 20.86 0.47 -9.51
N MET A 56 19.84 -0.17 -8.96
CA MET A 56 18.83 0.52 -8.14
C MET A 56 18.11 -0.51 -7.30
N ASP A 57 17.31 -0.04 -6.37
CA ASP A 57 16.39 -0.93 -5.65
C ASP A 57 15.45 -1.60 -6.68
N PHE A 58 15.15 -2.86 -6.45
CA PHE A 58 14.19 -3.57 -7.30
C PHE A 58 12.90 -2.76 -7.45
N SER A 59 12.41 -2.18 -6.38
CA SER A 59 11.14 -1.45 -6.40
C SER A 59 11.13 -0.23 -7.28
N ASN A 60 12.30 0.26 -7.71
CA ASN A 60 12.37 1.41 -8.58
C ASN A 60 12.54 1.06 -10.04
N LEU A 61 12.72 -0.22 -10.38
CA LEU A 61 13.11 -0.56 -11.74
C LEU A 61 12.06 -0.15 -12.79
N LEU A 62 10.79 -0.47 -12.52
CA LEU A 62 9.75 -0.13 -13.50
C LEU A 62 9.32 1.35 -13.41
N VAL A 63 9.56 1.99 -12.27
CA VAL A 63 9.37 3.45 -12.17
C VAL A 63 10.40 4.06 -13.14
N SER A 64 11.65 3.61 -13.07
CA SER A 64 12.72 4.13 -13.93
C SER A 64 12.45 3.86 -15.40
N LEU A 65 12.00 2.66 -15.70
CA LEU A 65 11.70 2.28 -17.09
C LEU A 65 10.56 3.14 -17.62
N GLY A 66 9.53 3.31 -16.81
CA GLY A 66 8.43 4.12 -17.25
C GLY A 66 8.81 5.57 -17.47
N ALA A 67 9.74 6.06 -16.70
CA ALA A 67 10.22 7.44 -16.87
C ALA A 67 11.30 7.62 -17.95
N GLY A 68 11.68 6.52 -18.59
CA GLY A 68 12.69 6.52 -19.64
C GLY A 68 14.10 6.65 -19.15
N LYS A 69 14.31 6.36 -17.87
CA LYS A 69 15.65 6.54 -17.29
C LYS A 69 16.56 5.29 -17.42
N VAL A 70 15.94 4.18 -17.79
CA VAL A 70 16.64 3.01 -18.31
C VAL A 70 15.91 2.58 -19.61
N ASP A 71 16.60 1.81 -20.45
CA ASP A 71 16.06 1.27 -21.67
C ASP A 71 15.53 -0.14 -21.58
N ILE A 72 16.08 -0.91 -20.66
CA ILE A 72 15.73 -2.31 -20.45
CA ILE A 72 15.68 -2.28 -20.48
C ILE A 72 15.82 -2.57 -18.99
N VAL A 73 14.96 -3.47 -18.50
CA VAL A 73 15.09 -3.97 -17.11
C VAL A 73 15.38 -5.47 -17.18
N ALA A 74 16.38 -5.88 -16.40
CA ALA A 74 16.77 -7.30 -16.23
C ALA A 74 16.80 -7.64 -14.75
N HIS A 75 15.77 -8.31 -14.25
CA HIS A 75 15.71 -8.68 -12.86
C HIS A 75 14.74 -9.83 -12.68
N GLN A 76 14.92 -10.89 -13.43
CA GLN A 76 14.01 -12.05 -13.34
C GLN A 76 12.55 -11.62 -13.49
N MET A 77 12.27 -10.74 -14.45
CA MET A 77 10.93 -10.16 -14.52
C MET A 77 9.92 -11.11 -15.19
N GLU A 78 8.90 -11.46 -14.40
CA GLU A 78 7.81 -12.28 -14.85
C GLU A 78 6.87 -11.55 -15.76
N LYS A 79 6.43 -12.19 -16.83
CA LYS A 79 5.42 -11.61 -17.68
CA LYS A 79 5.42 -11.60 -17.68
C LYS A 79 4.06 -11.67 -16.99
N SER A 80 3.38 -10.55 -16.96
CA SER A 80 1.99 -10.46 -16.46
C SER A 80 1.21 -9.57 -17.39
N LYS A 81 -0.10 -9.77 -17.41
CA LYS A 81 -0.93 -8.90 -18.23
CA LYS A 81 -1.04 -8.92 -18.15
C LYS A 81 -0.88 -7.44 -17.76
N GLU A 82 -0.74 -7.20 -16.46
CA GLU A 82 -0.59 -5.84 -15.94
C GLU A 82 0.64 -5.16 -16.48
N ARG A 83 1.76 -5.87 -16.51
CA ARG A 83 2.98 -5.30 -17.03
C ARG A 83 2.97 -5.13 -18.53
N GLU A 84 2.32 -6.07 -19.26
CA GLU A 84 2.21 -5.95 -20.71
C GLU A 84 1.36 -4.79 -21.14
N LYS A 85 0.48 -4.33 -20.28
CA LYS A 85 -0.33 -3.17 -20.64
CA LYS A 85 -0.36 -3.14 -20.53
C LYS A 85 0.54 -1.91 -20.70
N LYS A 86 1.67 -1.89 -19.98
CA LYS A 86 2.55 -0.73 -19.88
CA LYS A 86 2.52 -0.71 -19.92
C LYS A 86 3.85 -0.85 -20.66
N PHE A 87 4.37 -2.08 -20.75
CA PHE A 87 5.75 -2.32 -21.23
C PHE A 87 5.80 -3.41 -22.32
N LEU A 88 6.89 -3.40 -23.07
CA LEU A 88 7.23 -4.43 -24.03
C LEU A 88 8.05 -5.52 -23.39
N PHE A 89 7.64 -6.76 -23.61
CA PHE A 89 8.46 -7.93 -23.28
C PHE A 89 9.09 -8.48 -24.55
N ASN A 90 10.37 -8.89 -24.51
CA ASN A 90 10.92 -9.58 -25.65
C ASN A 90 10.22 -10.95 -25.78
N ASP A 91 10.41 -11.63 -26.92
CA ASP A 91 9.73 -12.91 -27.21
CA ASP A 91 9.73 -12.91 -27.19
C ASP A 91 10.37 -14.13 -26.60
N VAL A 92 11.67 -14.07 -26.32
CA VAL A 92 12.40 -15.27 -25.91
C VAL A 92 12.63 -15.26 -24.39
N ALA A 93 12.07 -16.23 -23.68
CA ALA A 93 12.22 -16.31 -22.22
C ALA A 93 13.62 -16.79 -21.86
N TYR A 94 14.10 -16.39 -20.69
CA TYR A 94 15.35 -16.89 -20.20
C TYR A 94 15.33 -17.52 -18.81
N ASN A 95 14.14 -17.73 -18.25
CA ASN A 95 13.98 -18.54 -17.04
C ASN A 95 12.48 -18.86 -16.88
N ASN A 96 12.18 -19.77 -15.98
CA ASN A 96 10.84 -20.01 -15.44
C ASN A 96 10.83 -19.51 -13.97
N PHE A 97 9.72 -18.95 -13.50
CA PHE A 97 9.67 -18.43 -12.14
C PHE A 97 8.33 -18.89 -11.50
N PRO A 98 8.16 -20.22 -11.34
CA PRO A 98 6.89 -20.71 -10.76
C PRO A 98 6.84 -20.35 -9.27
N LEU A 99 5.74 -19.76 -8.83
CA LEU A 99 5.59 -19.26 -7.46
C LEU A 99 4.77 -20.20 -6.58
N GLN A 100 5.23 -20.40 -5.37
CA GLN A 100 4.53 -21.13 -4.33
C GLN A 100 4.64 -20.39 -3.02
N LEU A 101 3.65 -20.56 -2.15
CA LEU A 101 3.82 -20.18 -0.75
C LEU A 101 5.08 -20.83 -0.22
N THR A 102 5.78 -20.06 0.62
CA THR A 102 7.06 -20.51 1.16
C THR A 102 7.01 -20.21 2.66
N VAL A 103 7.41 -21.20 3.45
CA VAL A 103 7.30 -21.16 4.90
C VAL A 103 8.59 -21.66 5.55
N LEU A 104 8.71 -21.47 6.86
CA LEU A 104 9.78 -22.15 7.62
C LEU A 104 9.67 -23.66 7.44
N ASP A 105 10.80 -24.34 7.37
CA ASP A 105 10.79 -25.76 7.10
C ASP A 105 9.98 -26.55 8.14
N SER A 106 9.95 -26.04 9.38
CA SER A 106 9.21 -26.73 10.47
C SER A 106 7.68 -26.55 10.39
N ASN A 107 7.23 -25.61 9.55
CA ASN A 107 5.80 -25.22 9.54
C ASN A 107 5.03 -26.08 8.54
N ASN A 108 4.10 -26.88 9.05
CA ASN A 108 3.19 -27.68 8.24
C ASN A 108 1.75 -27.23 8.32
N SER A 109 1.55 -26.01 8.82
CA SER A 109 0.18 -25.53 9.03
C SER A 109 -0.48 -24.94 7.80
N ILE A 110 0.33 -24.71 6.76
CA ILE A 110 -0.16 -24.04 5.54
C ILE A 110 0.12 -24.91 4.29
N ASN A 111 -0.93 -25.16 3.53
CA ASN A 111 -0.81 -25.76 2.22
C ASN A 111 -1.57 -24.88 1.24
N SER A 112 -2.89 -24.83 1.33
CA SER A 112 -3.70 -23.94 0.52
C SER A 112 -3.52 -22.49 0.99
N THR A 113 -3.79 -21.54 0.07
CA THR A 113 -3.93 -20.16 0.50
C THR A 113 -5.07 -19.96 1.48
N LYS A 114 -6.06 -20.85 1.48
CA LYS A 114 -7.15 -20.77 2.46
C LYS A 114 -6.57 -20.91 3.89
N ASP A 115 -5.44 -21.61 4.05
CA ASP A 115 -4.82 -21.79 5.34
C ASP A 115 -4.12 -20.54 5.86
N LEU A 116 -4.08 -19.48 5.07
CA LEU A 116 -3.57 -18.21 5.50
C LEU A 116 -4.55 -17.35 6.29
N ALA A 117 -5.78 -17.83 6.48
CA ALA A 117 -6.76 -17.01 7.18
C ALA A 117 -6.23 -16.59 8.54
N GLY A 118 -6.27 -15.27 8.81
CA GLY A 118 -5.79 -14.73 10.10
C GLY A 118 -4.29 -14.61 10.26
N LYS A 119 -3.55 -14.92 9.20
CA LYS A 119 -2.10 -14.95 9.22
C LYS A 119 -1.52 -13.78 8.42
N ARG A 120 -0.21 -13.66 8.47
CA ARG A 120 0.51 -12.53 7.90
C ARG A 120 1.56 -13.02 6.92
N VAL A 121 1.49 -12.52 5.68
CA VAL A 121 2.38 -12.92 4.61
C VAL A 121 3.29 -11.74 4.29
N ILE A 122 4.56 -12.02 4.19
CA ILE A 122 5.57 -11.01 3.88
C ILE A 122 6.05 -11.21 2.43
N THR A 123 6.20 -10.12 1.72
CA THR A 123 6.57 -10.19 0.31
C THR A 123 7.35 -8.94 -0.09
N SER A 124 7.79 -8.90 -1.35
CA SER A 124 8.61 -7.82 -1.90
CA SER A 124 8.59 -7.79 -1.87
CA SER A 124 8.59 -7.79 -1.84
C SER A 124 7.68 -6.86 -2.62
N ALA A 125 7.65 -5.62 -2.22
CA ALA A 125 6.86 -4.63 -2.86
C ALA A 125 7.23 -4.53 -4.38
N THR A 126 6.20 -4.38 -5.18
CA THR A 126 6.18 -4.26 -6.61
C THR A 126 6.39 -5.58 -7.33
N SER A 127 6.66 -6.67 -6.60
CA SER A 127 6.92 -7.93 -7.29
C SER A 127 5.60 -8.53 -7.86
N ASN A 128 5.77 -9.40 -8.85
CA ASN A 128 4.63 -10.14 -9.36
C ASN A 128 4.01 -11.00 -8.25
N GLY A 129 4.82 -11.59 -7.39
CA GLY A 129 4.30 -12.42 -6.33
C GLY A 129 3.42 -11.63 -5.38
N ALA A 130 3.77 -10.38 -5.12
CA ALA A 130 2.91 -9.55 -4.29
C ALA A 130 1.52 -9.36 -4.93
N LEU A 131 1.46 -9.18 -6.24
CA LEU A 131 0.23 -9.04 -6.97
C LEU A 131 -0.61 -10.31 -6.92
N VAL A 132 0.07 -11.44 -7.14
CA VAL A 132 -0.56 -12.76 -7.09
C VAL A 132 -1.20 -12.92 -5.70
N LEU A 133 -0.48 -12.59 -4.63
CA LEU A 133 -1.06 -12.66 -3.30
C LEU A 133 -2.23 -11.69 -3.06
N LYS A 134 -2.10 -10.48 -3.59
CA LYS A 134 -3.15 -9.49 -3.44
CA LYS A 134 -3.15 -9.49 -3.44
C LYS A 134 -4.45 -10.01 -4.05
N LYS A 135 -4.36 -10.58 -5.24
CA LYS A 135 -5.55 -11.07 -5.90
C LYS A 135 -6.17 -12.22 -5.12
N ILE A 136 -5.36 -13.11 -4.57
CA ILE A 136 -5.89 -14.20 -3.76
C ILE A 136 -6.55 -13.73 -2.47
N ASN A 137 -5.94 -12.75 -1.81
CA ASN A 137 -6.53 -12.16 -0.66
C ASN A 137 -7.93 -11.62 -0.96
N GLU A 138 -8.04 -10.88 -2.06
CA GLU A 138 -9.33 -10.31 -2.44
C GLU A 138 -10.34 -11.43 -2.70
N GLU A 139 -9.92 -12.46 -3.41
CA GLU A 139 -10.78 -13.62 -3.65
C GLU A 139 -11.31 -14.27 -2.38
N GLN A 140 -10.49 -14.22 -1.31
CA GLN A 140 -10.79 -14.79 -0.02
C GLN A 140 -11.46 -13.79 0.95
N GLY A 141 -11.89 -12.65 0.46
CA GLY A 141 -12.56 -11.68 1.34
C GLY A 141 -11.64 -10.93 2.27
N ASN A 142 -10.39 -10.74 1.87
CA ASN A 142 -9.42 -10.00 2.66
CA ASN A 142 -9.37 -10.03 2.64
C ASN A 142 -9.18 -10.68 4.00
N ASN A 143 -8.98 -11.99 3.96
CA ASN A 143 -8.90 -12.75 5.19
C ASN A 143 -7.48 -12.97 5.73
N PHE A 144 -6.46 -12.44 5.04
CA PHE A 144 -5.12 -12.42 5.54
C PHE A 144 -4.50 -11.05 5.36
N GLU A 145 -3.33 -10.86 5.95
CA GLU A 145 -2.56 -9.61 5.90
CA GLU A 145 -2.61 -9.60 5.85
C GLU A 145 -1.38 -9.80 5.00
N ILE A 146 -1.13 -8.83 4.10
CA ILE A 146 0.04 -8.81 3.26
C ILE A 146 0.88 -7.60 3.71
N ALA A 147 2.13 -7.88 4.02
CA ALA A 147 3.10 -6.86 4.41
C ALA A 147 4.32 -6.95 3.53
N TYR A 148 5.12 -5.89 3.52
CA TYR A 148 6.28 -5.82 2.65
C TYR A 148 7.56 -5.87 3.48
N GLU A 149 8.53 -6.67 3.03
CA GLU A 149 9.78 -6.79 3.80
C GLU A 149 10.55 -5.50 3.83
N GLY A 150 11.34 -5.39 4.87
CA GLY A 150 12.37 -4.40 5.01
C GLY A 150 13.74 -4.99 4.93
N GLN A 151 14.68 -4.32 5.58
CA GLN A 151 16.10 -4.70 5.48
C GLN A 151 16.55 -5.37 6.79
N GLY A 152 17.63 -6.14 6.70
CA GLY A 152 18.24 -6.72 7.88
C GLY A 152 17.31 -7.68 8.56
N SER A 153 17.12 -7.48 9.86
CA SER A 153 16.19 -8.27 10.68
C SER A 153 14.73 -8.18 10.20
N ASN A 154 14.44 -7.22 9.32
CA ASN A 154 13.07 -7.07 8.79
C ASN A 154 12.95 -7.69 7.41
N ASP A 155 13.99 -8.36 6.94
CA ASP A 155 13.83 -9.05 5.64
C ASP A 155 12.94 -10.29 5.74
N THR A 156 12.55 -10.84 4.59
CA THR A 156 11.60 -11.94 4.55
C THR A 156 12.10 -13.10 5.41
N ALA A 157 13.34 -13.54 5.20
CA ALA A 157 13.81 -14.71 5.93
C ALA A 157 13.74 -14.51 7.44
N ASN A 158 14.18 -13.33 7.88
CA ASN A 158 14.15 -13.05 9.28
C ASN A 158 12.75 -12.93 9.88
N GLN A 159 11.80 -12.38 9.14
CA GLN A 159 10.47 -12.33 9.64
C GLN A 159 9.84 -13.74 9.66
N LEU A 160 10.25 -14.63 8.74
CA LEU A 160 9.77 -16.03 8.87
C LEU A 160 10.40 -16.71 10.10
N LYS A 161 11.69 -16.44 10.31
CA LYS A 161 12.43 -17.06 11.44
CA LYS A 161 12.42 -17.06 11.42
C LYS A 161 11.75 -16.78 12.75
N THR A 162 11.39 -15.51 12.98
CA THR A 162 10.80 -15.10 14.25
C THR A 162 9.33 -15.38 14.39
N GLY A 163 8.67 -15.79 13.30
CA GLY A 163 7.26 -15.97 13.31
C GLY A 163 6.45 -14.70 13.07
N ARG A 164 7.11 -13.57 12.86
CA ARG A 164 6.39 -12.33 12.57
CA ARG A 164 6.37 -12.36 12.62
C ARG A 164 5.61 -12.45 11.29
N ALA A 165 6.17 -13.19 10.34
CA ALA A 165 5.45 -13.59 9.13
C ALA A 165 5.23 -15.09 9.19
N ASP A 166 4.07 -15.55 8.71
CA ASP A 166 3.75 -16.97 8.61
C ASP A 166 4.22 -17.58 7.28
N ALA A 167 4.28 -16.76 6.22
CA ALA A 167 4.61 -17.24 4.88
C ALA A 167 5.11 -16.10 4.04
N THR A 168 5.81 -16.48 2.97
CA THR A 168 6.13 -15.58 1.87
C THR A 168 5.69 -16.28 0.57
N ILE A 169 6.10 -15.72 -0.57
CA ILE A 169 5.89 -16.33 -1.88
C ILE A 169 7.22 -16.30 -2.61
N SER A 170 7.63 -17.45 -3.15
CA SER A 170 8.94 -17.56 -3.77
C SER A 170 8.99 -18.67 -4.79
N THR A 171 10.17 -18.93 -5.37
CA THR A 171 10.32 -19.94 -6.41
C THR A 171 11.41 -20.92 -5.95
N PRO A 172 11.28 -22.20 -6.30
CA PRO A 172 12.25 -23.19 -5.84
C PRO A 172 13.73 -22.85 -6.07
N PHE A 173 14.14 -22.32 -7.24
CA PHE A 173 15.58 -22.11 -7.42
C PHE A 173 16.12 -21.15 -6.40
N ALA A 174 15.32 -20.15 -6.06
CA ALA A 174 15.74 -19.12 -5.14
C ALA A 174 15.78 -19.64 -3.70
N VAL A 175 14.75 -20.38 -3.31
CA VAL A 175 14.65 -21.01 -2.00
C VAL A 175 15.83 -21.97 -1.80
N ASP A 176 16.11 -22.77 -2.80
CA ASP A 176 17.14 -23.75 -2.67
C ASP A 176 18.52 -23.10 -2.48
N PHE A 177 18.81 -22.05 -3.24
CA PHE A 177 20.09 -21.38 -3.13
C PHE A 177 20.24 -20.71 -1.76
N GLN A 178 19.19 -20.05 -1.30
CA GLN A 178 19.25 -19.40 0.00
C GLN A 178 19.48 -20.42 1.15
N ASN A 179 18.83 -21.58 1.05
CA ASN A 179 18.94 -22.59 2.08
C ASN A 179 20.36 -23.12 2.26
N LYS A 180 21.16 -23.08 1.20
CA LYS A 180 22.50 -23.70 1.24
C LYS A 180 23.39 -23.14 2.34
N THR A 181 23.25 -21.85 2.63
CA THR A 181 24.13 -21.17 3.53
C THR A 181 23.44 -20.47 4.70
N SER A 182 22.20 -20.83 4.95
CA SER A 182 21.42 -20.05 5.90
C SER A 182 21.06 -20.93 7.07
N ALA A 183 20.99 -20.35 8.26
CA ALA A 183 20.38 -21.01 9.42
C ALA A 183 18.87 -21.07 9.30
N ILE A 184 18.26 -20.14 8.55
CA ILE A 184 16.81 -20.09 8.41
C ILE A 184 16.51 -20.95 7.18
N LYS A 185 15.95 -22.13 7.38
CA LYS A 185 15.54 -23.00 6.22
C LYS A 185 14.10 -22.75 5.86
N GLU A 186 13.89 -22.53 4.58
CA GLU A 186 12.56 -22.32 4.01
C GLU A 186 12.20 -23.48 3.15
N LYS A 187 10.91 -23.66 2.94
CA LYS A 187 10.41 -24.68 1.99
C LYS A 187 9.19 -24.15 1.24
N VAL A 188 9.03 -24.56 -0.02
CA VAL A 188 7.79 -24.31 -0.74
C VAL A 188 6.73 -25.30 -0.28
N VAL A 189 5.48 -24.85 -0.26
CA VAL A 189 4.34 -25.68 0.10
C VAL A 189 3.22 -25.41 -0.88
N GLY A 190 2.30 -26.34 -1.01
CA GLY A 190 1.09 -26.06 -1.72
C GLY A 190 1.26 -26.04 -3.21
N ASP A 191 0.25 -25.47 -3.85
CA ASP A 191 0.17 -25.49 -5.31
C ASP A 191 0.94 -24.34 -5.93
N VAL A 192 1.31 -24.51 -7.18
CA VAL A 192 1.89 -23.41 -7.95
C VAL A 192 0.81 -22.36 -8.23
N LEU A 193 1.06 -21.13 -7.75
CA LEU A 193 0.11 -20.04 -7.79
C LEU A 193 0.25 -19.17 -9.03
N SER A 194 1.39 -19.28 -9.70
CA SER A 194 1.67 -18.54 -10.92
C SER A 194 2.83 -19.25 -11.59
N ASN A 195 2.80 -19.32 -12.93
CA ASN A 195 3.84 -20.00 -13.69
C ASN A 195 4.31 -19.14 -14.88
N ALA A 196 4.58 -17.87 -14.62
CA ALA A 196 5.10 -16.93 -15.62
C ALA A 196 6.53 -17.27 -15.99
N LYS A 197 6.88 -17.05 -17.24
CA LYS A 197 8.29 -17.08 -17.64
C LYS A 197 8.91 -15.69 -17.46
N VAL A 198 10.23 -15.65 -17.55
CA VAL A 198 11.06 -14.49 -17.30
C VAL A 198 11.58 -13.95 -18.64
N TYR A 199 11.46 -12.64 -18.81
CA TYR A 199 11.86 -11.94 -19.98
C TYR A 199 12.49 -10.59 -19.60
N PHE A 200 13.14 -9.95 -20.56
CA PHE A 200 13.50 -8.54 -20.42
C PHE A 200 12.28 -7.65 -20.64
N MET A 201 12.30 -6.49 -20.01
CA MET A 201 11.26 -5.52 -20.18
C MET A 201 11.81 -4.27 -20.77
N LEU A 202 11.08 -3.71 -21.72
CA LEU A 202 11.50 -2.51 -22.47
C LEU A 202 10.33 -1.54 -22.57
N GLY A 203 10.62 -0.34 -23.05
CA GLY A 203 9.53 0.56 -23.44
C GLY A 203 8.85 0.08 -24.68
N LYS A 204 7.56 0.41 -24.81
CA LYS A 204 6.75 -0.06 -25.95
C LYS A 204 7.31 0.41 -27.30
N ASP A 205 8.01 1.54 -27.33
CA ASP A 205 8.61 2.06 -28.56
CA ASP A 205 8.56 2.04 -28.61
C ASP A 205 9.85 1.32 -29.04
N GLU A 206 10.42 0.48 -28.15
CA GLU A 206 11.75 -0.11 -28.37
C GLU A 206 11.72 -1.46 -29.09
N THR A 207 10.91 -1.52 -30.13
CA THR A 207 10.74 -2.75 -30.88
C THR A 207 11.96 -3.25 -31.61
N LYS A 208 12.80 -2.34 -32.09
CA LYS A 208 14.00 -2.75 -32.78
C LYS A 208 14.95 -3.37 -31.81
N LEU A 209 15.18 -2.71 -30.70
CA LEU A 209 16.05 -3.27 -29.64
C LEU A 209 15.55 -4.62 -29.16
N SER A 210 14.24 -4.73 -28.93
CA SER A 210 13.67 -6.00 -28.46
C SER A 210 13.95 -7.15 -29.44
N LYS A 211 13.79 -6.86 -30.74
CA LYS A 211 14.09 -7.86 -31.76
C LYS A 211 15.56 -8.29 -31.75
N LYS A 212 16.46 -7.31 -31.59
CA LYS A 212 17.91 -7.57 -31.53
C LYS A 212 18.23 -8.44 -30.32
N VAL A 213 17.65 -8.09 -29.18
CA VAL A 213 17.85 -8.89 -27.98
C VAL A 213 17.41 -10.33 -28.22
N ASP A 214 16.22 -10.52 -28.84
CA ASP A 214 15.74 -11.87 -29.15
C ASP A 214 16.68 -12.61 -30.08
N GLU A 215 17.26 -11.93 -31.06
CA GLU A 215 18.22 -12.58 -31.96
C GLU A 215 19.45 -13.06 -31.18
N ALA A 216 19.96 -12.19 -30.33
CA ALA A 216 21.11 -12.55 -29.54
C ALA A 216 20.80 -13.71 -28.57
N LEU A 217 19.68 -13.59 -27.85
CA LEU A 217 19.31 -14.60 -26.90
C LEU A 217 19.08 -15.94 -27.62
N GLN A 218 18.44 -15.93 -28.80
CA GLN A 218 18.23 -17.19 -29.50
C GLN A 218 19.57 -17.84 -29.86
N SER A 219 20.55 -17.04 -30.27
CA SER A 219 21.87 -17.62 -30.57
CA SER A 219 21.91 -17.56 -30.57
C SER A 219 22.56 -18.17 -29.33
N ILE A 220 22.34 -17.56 -28.17
CA ILE A 220 22.83 -18.04 -26.89
C ILE A 220 22.17 -19.36 -26.50
N ILE A 221 20.88 -19.48 -26.75
CA ILE A 221 20.22 -20.77 -26.60
C ILE A 221 20.83 -21.80 -27.54
N ASP A 222 20.96 -21.43 -28.80
CA ASP A 222 21.23 -22.40 -29.87
C ASP A 222 22.63 -23.02 -29.77
N ASP A 223 23.58 -22.25 -29.24
CA ASP A 223 24.94 -22.75 -29.07
C ASP A 223 25.25 -23.38 -27.70
N GLY A 224 24.24 -23.52 -26.85
CA GLY A 224 24.39 -24.15 -25.56
C GLY A 224 24.85 -23.23 -24.45
N THR A 225 25.00 -21.96 -24.75
CA THR A 225 25.47 -20.98 -23.75
C THR A 225 24.44 -20.80 -22.62
N LEU A 226 23.14 -20.76 -22.93
CA LEU A 226 22.18 -20.57 -21.86
C LEU A 226 22.16 -21.74 -20.93
N LYS A 227 22.31 -22.95 -21.47
CA LYS A 227 22.44 -24.12 -20.61
C LYS A 227 23.59 -24.00 -19.60
N LYS A 228 24.74 -23.59 -20.10
CA LYS A 228 25.92 -23.41 -19.25
C LYS A 228 25.74 -22.29 -18.20
N LEU A 229 25.18 -21.17 -18.63
CA LEU A 229 24.98 -20.02 -17.74
CA LEU A 229 24.99 -20.04 -17.74
C LEU A 229 23.98 -20.39 -16.64
N SER A 230 22.88 -21.04 -17.03
CA SER A 230 21.89 -21.41 -16.03
C SER A 230 22.43 -22.48 -15.07
N GLU A 231 23.23 -23.42 -15.53
CA GLU A 231 23.83 -24.37 -14.60
CA GLU A 231 23.83 -24.36 -14.61
C GLU A 231 24.72 -23.67 -13.58
N LYS A 232 25.53 -22.73 -14.06
CA LYS A 232 26.46 -22.02 -13.19
C LYS A 232 25.73 -21.27 -12.06
N TRP A 233 24.69 -20.55 -12.43
CA TRP A 233 24.08 -19.60 -11.52
C TRP A 233 22.85 -20.12 -10.84
N LEU A 234 22.04 -20.92 -11.54
CA LEU A 234 20.79 -21.43 -10.99
C LEU A 234 20.90 -22.82 -10.42
N GLY A 235 21.92 -23.58 -10.83
CA GLY A 235 22.10 -24.95 -10.40
C GLY A 235 21.58 -25.93 -11.42
N ALA A 236 22.18 -27.11 -11.44
CA ALA A 236 21.81 -28.14 -12.36
C ALA A 236 20.31 -28.45 -12.32
N ASP A 237 19.70 -28.45 -11.14
CA ASP A 237 18.26 -28.77 -10.98
C ASP A 237 17.34 -27.76 -11.73
N TYR A 238 17.88 -26.59 -12.01
CA TYR A 238 17.11 -25.46 -12.57
C TYR A 238 17.60 -25.01 -13.94
N SER A 239 18.53 -25.77 -14.48
CA SER A 239 19.21 -25.42 -15.71
C SER A 239 18.58 -26.19 -16.88
N LYS A 240 18.25 -25.45 -17.94
CA LYS A 240 17.65 -25.97 -19.16
C LYS A 240 18.35 -25.39 -20.40
N GLU A 241 18.19 -26.07 -21.55
CA GLU A 241 18.68 -25.57 -22.80
CA GLU A 241 18.66 -25.57 -22.84
C GLU A 241 17.94 -24.29 -23.24
N GLN A 242 16.65 -24.22 -22.90
CA GLN A 242 15.82 -23.08 -23.25
C GLN A 242 14.66 -23.11 -22.29
N TYR A 243 13.91 -22.02 -22.21
CA TYR A 243 12.83 -21.88 -21.23
C TYR A 243 11.54 -21.56 -21.92
N VAL B 8 -20.02 12.55 39.64
CA VAL B 8 -19.90 12.81 38.16
C VAL B 8 -18.43 12.83 37.72
N GLN B 9 -18.12 12.03 36.72
CA GLN B 9 -16.76 11.90 36.23
C GLN B 9 -16.63 12.79 34.99
N THR B 10 -15.61 13.65 34.98
CA THR B 10 -15.37 14.50 33.82
C THR B 10 -14.55 13.73 32.78
N ILE B 11 -15.03 13.76 31.53
CA ILE B 11 -14.39 13.06 30.41
C ILE B 11 -13.98 14.13 29.40
N THR B 12 -12.71 14.09 28.99
CA THR B 12 -12.18 15.03 28.03
C THR B 12 -12.15 14.35 26.67
N VAL B 13 -12.83 15.00 25.75
CA VAL B 13 -12.95 14.54 24.38
C VAL B 13 -12.05 15.40 23.48
N GLY B 14 -11.09 14.76 22.83
CA GLY B 14 -10.30 15.44 21.83
C GLY B 14 -11.01 15.44 20.51
N THR B 15 -11.05 16.64 19.92
CA THR B 15 -11.62 16.81 18.60
C THR B 15 -10.87 17.93 17.85
N GLY B 16 -11.28 18.23 16.63
CA GLY B 16 -10.64 19.26 15.82
C GLY B 16 -11.58 20.43 15.58
N THR B 17 -11.12 21.34 14.72
CA THR B 17 -11.93 22.47 14.29
C THR B 17 -11.95 22.63 12.78
N GLN B 18 -11.29 21.71 12.05
CA GLN B 18 -11.03 21.88 10.64
C GLN B 18 -11.80 20.91 9.75
N PHE B 19 -12.92 20.36 10.27
CA PHE B 19 -13.78 19.45 9.48
C PHE B 19 -15.18 20.05 9.42
N PRO B 20 -15.48 20.82 8.36
CA PRO B 20 -16.80 21.41 8.26
C PRO B 20 -17.94 20.40 8.44
N ASN B 21 -18.94 20.81 9.20
CA ASN B 21 -20.11 20.01 9.56
C ASN B 21 -19.83 18.79 10.43
N VAL B 22 -18.59 18.63 10.88
CA VAL B 22 -18.17 17.53 11.75
C VAL B 22 -17.59 18.00 13.06
N CYS B 23 -16.61 18.91 12.99
CA CYS B 23 -16.04 19.52 14.19
C CYS B 23 -15.43 20.83 13.72
N PHE B 24 -16.09 21.93 14.08
CA PHE B 24 -15.76 23.27 13.56
C PHE B 24 -16.40 24.33 14.44
N LEU B 25 -15.89 25.53 14.32
CA LEU B 25 -16.43 26.66 15.02
C LEU B 25 -17.39 27.40 14.13
N ASP B 26 -18.60 27.63 14.65
CA ASP B 26 -19.60 28.38 13.92
C ASP B 26 -19.33 29.90 14.04
N GLU B 27 -20.25 30.70 13.54
CA GLU B 27 -20.04 32.16 13.42
CA GLU B 27 -20.12 32.16 13.41
C GLU B 27 -20.03 32.87 14.77
N ASN B 28 -20.50 32.19 15.81
CA ASN B 28 -20.52 32.72 17.18
C ASN B 28 -19.44 32.08 18.03
N GLY B 29 -18.49 31.43 17.36
CA GLY B 29 -17.34 30.85 18.05
C GLY B 29 -17.68 29.63 18.88
N LYS B 30 -18.78 28.97 18.53
CA LYS B 30 -19.25 27.78 19.24
CA LYS B 30 -19.23 27.78 19.26
C LYS B 30 -18.76 26.52 18.50
N LEU B 31 -18.23 25.56 19.23
CA LEU B 31 -17.78 24.31 18.66
C LEU B 31 -19.04 23.45 18.36
N THR B 32 -19.14 23.01 17.11
CA THR B 32 -20.31 22.26 16.70
C THR B 32 -19.96 21.30 15.56
N GLY B 33 -20.98 20.73 14.93
CA GLY B 33 -20.81 19.72 13.90
C GLY B 33 -21.28 18.37 14.39
N TYR B 34 -21.35 17.43 13.47
CA TYR B 34 -21.92 16.11 13.75
C TYR B 34 -21.29 15.43 14.98
N ASP B 35 -19.94 15.31 14.99
CA ASP B 35 -19.30 14.60 16.06
C ASP B 35 -19.50 15.31 17.40
N VAL B 36 -19.36 16.63 17.38
CA VAL B 36 -19.51 17.40 18.59
C VAL B 36 -20.93 17.29 19.16
N GLU B 37 -21.93 17.46 18.29
CA GLU B 37 -23.32 17.37 18.70
C GLU B 37 -23.67 15.97 19.16
N LEU B 38 -23.13 14.95 18.49
CA LEU B 38 -23.34 13.59 18.95
C LEU B 38 -22.79 13.36 20.36
N VAL B 39 -21.58 13.83 20.64
CA VAL B 39 -21.02 13.74 21.98
C VAL B 39 -21.89 14.49 22.98
N LYS B 40 -22.38 15.66 22.63
CA LYS B 40 -23.28 16.39 23.55
CA LYS B 40 -23.26 16.38 23.57
C LYS B 40 -24.55 15.60 23.85
N GLU B 41 -25.10 14.94 22.84
CA GLU B 41 -26.28 14.09 23.04
C GLU B 41 -25.99 12.86 23.92
N ILE B 42 -24.82 12.26 23.74
CA ILE B 42 -24.37 11.17 24.60
C ILE B 42 -24.24 11.67 26.04
N ASP B 43 -23.65 12.85 26.22
CA ASP B 43 -23.45 13.45 27.55
C ASP B 43 -24.81 13.57 28.25
N LYS B 44 -25.82 14.03 27.54
CA LYS B 44 -27.17 14.25 28.09
C LYS B 44 -27.75 12.94 28.66
N ARG B 45 -27.41 11.83 28.00
CA ARG B 45 -27.92 10.54 28.32
C ARG B 45 -27.07 9.74 29.33
N LEU B 46 -25.98 10.36 29.82
CA LEU B 46 -25.07 9.75 30.80
C LEU B 46 -24.89 10.68 31.99
N PRO B 47 -25.84 10.64 32.92
CA PRO B 47 -25.83 11.62 34.01
C PRO B 47 -24.63 11.44 34.95
N GLY B 48 -23.97 10.27 34.94
CA GLY B 48 -22.76 10.09 35.73
C GLY B 48 -21.45 10.58 35.15
N TYR B 49 -21.53 11.20 33.97
CA TYR B 49 -20.39 11.74 33.25
C TYR B 49 -20.69 13.17 32.80
N LYS B 50 -19.61 13.96 32.66
CA LYS B 50 -19.71 15.26 32.04
CA LYS B 50 -19.69 15.29 32.04
C LYS B 50 -18.62 15.31 30.96
N PHE B 51 -19.01 15.55 29.72
CA PHE B 51 -18.06 15.55 28.61
C PHE B 51 -17.63 16.99 28.30
N LYS B 52 -16.32 17.22 28.20
CA LYS B 52 -15.80 18.53 27.80
C LYS B 52 -14.88 18.27 26.61
N PHE B 53 -14.69 19.30 25.79
CA PHE B 53 -13.88 19.19 24.57
C PHE B 53 -12.52 19.87 24.74
N LYS B 54 -11.51 19.20 24.18
CA LYS B 54 -10.18 19.78 23.95
CA LYS B 54 -10.19 19.78 23.96
C LYS B 54 -9.91 19.73 22.47
N THR B 55 -9.80 20.89 21.84
CA THR B 55 -9.55 20.95 20.43
C THR B 55 -8.06 21.02 20.16
N MET B 56 -7.67 20.42 19.03
CA MET B 56 -6.27 20.39 18.61
C MET B 56 -6.20 20.05 17.15
N ASP B 57 -5.01 20.17 16.58
CA ASP B 57 -4.79 19.67 15.20
C ASP B 57 -5.09 18.16 15.17
N PHE B 58 -5.68 17.74 14.07
CA PHE B 58 -5.97 16.33 13.88
C PHE B 58 -4.79 15.43 14.15
N SER B 59 -3.63 15.85 13.64
CA SER B 59 -2.42 15.05 13.74
C SER B 59 -1.89 14.85 15.15
N ASN B 60 -2.45 15.57 16.13
CA ASN B 60 -2.09 15.37 17.52
C ASN B 60 -3.06 14.50 18.32
N LEU B 61 -4.21 14.16 17.77
CA LEU B 61 -5.27 13.57 18.56
C LEU B 61 -4.84 12.24 19.13
N LEU B 62 -4.25 11.34 18.34
CA LEU B 62 -3.89 10.02 18.85
C LEU B 62 -2.63 10.06 19.74
N VAL B 63 -1.71 10.99 19.48
CA VAL B 63 -0.60 11.25 20.41
C VAL B 63 -1.18 11.64 21.80
N SER B 64 -2.18 12.51 21.78
CA SER B 64 -2.82 12.98 23.00
CA SER B 64 -2.82 12.98 23.01
C SER B 64 -3.57 11.86 23.74
N LEU B 65 -4.35 11.08 23.01
CA LEU B 65 -5.03 9.92 23.56
C LEU B 65 -4.05 8.95 24.16
N GLY B 66 -2.97 8.64 23.44
CA GLY B 66 -2.01 7.68 23.95
C GLY B 66 -1.29 8.19 25.19
N ALA B 67 -1.12 9.52 25.28
CA ALA B 67 -0.51 10.15 26.45
C ALA B 67 -1.48 10.29 27.66
N GLY B 68 -2.75 9.93 27.48
CA GLY B 68 -3.75 10.14 28.50
C GLY B 68 -4.23 11.57 28.66
N LYS B 69 -3.91 12.43 27.70
CA LYS B 69 -4.29 13.86 27.79
CA LYS B 69 -4.27 13.86 27.79
C LYS B 69 -5.71 14.15 27.34
N VAL B 70 -6.31 13.20 26.63
CA VAL B 70 -7.75 13.15 26.39
C VAL B 70 -8.19 11.73 26.71
N ASP B 71 -9.50 11.52 26.95
CA ASP B 71 -10.02 10.20 27.26
C ASP B 71 -10.69 9.51 26.07
N ILE B 72 -11.17 10.32 25.15
CA ILE B 72 -11.87 9.85 23.95
CA ILE B 72 -11.84 9.82 23.97
C ILE B 72 -11.47 10.76 22.83
N VAL B 73 -11.37 10.23 21.63
CA VAL B 73 -11.23 11.07 20.40
C VAL B 73 -12.48 10.85 19.57
N ALA B 74 -13.05 11.98 19.14
CA ALA B 74 -14.23 12.06 18.29
C ALA B 74 -13.85 12.90 17.07
N HIS B 75 -13.51 12.26 15.98
CA HIS B 75 -13.09 12.97 14.74
C HIS B 75 -13.26 12.06 13.54
N GLN B 76 -14.46 11.50 13.38
CA GLN B 76 -14.76 10.59 12.28
C GLN B 76 -13.69 9.48 12.19
N MET B 77 -13.33 8.90 13.33
CA MET B 77 -12.23 7.95 13.36
C MET B 77 -12.58 6.59 12.82
N GLU B 78 -11.92 6.23 11.75
CA GLU B 78 -12.08 4.93 11.05
C GLU B 78 -11.40 3.83 11.83
N LYS B 79 -12.08 2.68 11.96
CA LYS B 79 -11.47 1.50 12.58
CA LYS B 79 -11.46 1.52 12.59
C LYS B 79 -10.49 0.88 11.62
N SER B 80 -9.30 0.57 12.11
CA SER B 80 -8.29 -0.20 11.37
C SER B 80 -7.63 -1.20 12.29
N LYS B 81 -7.04 -2.24 11.70
CA LYS B 81 -6.28 -3.24 12.45
CA LYS B 81 -6.29 -3.23 12.46
C LYS B 81 -5.13 -2.56 13.20
N GLU B 82 -4.46 -1.63 12.54
CA GLU B 82 -3.33 -0.93 13.14
C GLU B 82 -3.76 -0.13 14.36
N ARG B 83 -4.87 0.59 14.28
CA ARG B 83 -5.33 1.37 15.43
C ARG B 83 -5.82 0.46 16.56
N GLU B 84 -6.43 -0.66 16.23
CA GLU B 84 -6.93 -1.57 17.24
C GLU B 84 -5.82 -2.19 18.11
N LYS B 85 -4.61 -2.28 17.58
CA LYS B 85 -3.46 -2.74 18.36
C LYS B 85 -3.14 -1.78 19.50
N LYS B 86 -3.48 -0.52 19.32
CA LYS B 86 -3.07 0.54 20.25
C LYS B 86 -4.22 1.13 21.08
N PHE B 87 -5.42 1.12 20.55
CA PHE B 87 -6.54 1.80 21.18
C PHE B 87 -7.79 0.92 21.14
N LEU B 88 -8.79 1.33 21.93
CA LEU B 88 -10.09 0.70 22.01
C LEU B 88 -11.05 1.50 21.16
N PHE B 89 -11.84 0.80 20.36
CA PHE B 89 -13.02 1.36 19.68
C PHE B 89 -14.28 0.96 20.38
N ASN B 90 -15.24 1.86 20.52
CA ASN B 90 -16.54 1.42 21.00
C ASN B 90 -17.20 0.48 19.95
N ASP B 91 -18.26 -0.23 20.32
CA ASP B 91 -18.84 -1.24 19.43
CA ASP B 91 -18.86 -1.23 19.44
C ASP B 91 -19.86 -0.69 18.43
N VAL B 92 -20.43 0.49 18.70
CA VAL B 92 -21.53 1.02 17.91
C VAL B 92 -21.01 2.11 16.98
N ALA B 93 -21.12 1.88 15.68
CA ALA B 93 -20.65 2.84 14.67
C ALA B 93 -21.58 4.01 14.55
N TYR B 94 -21.06 5.15 14.12
CA TYR B 94 -21.92 6.31 13.86
C TYR B 94 -21.70 6.98 12.51
N ASN B 95 -20.90 6.36 11.65
CA ASN B 95 -20.84 6.76 10.27
C ASN B 95 -20.14 5.68 9.44
N ASN B 96 -20.21 5.86 8.13
CA ASN B 96 -19.37 5.17 7.17
C ASN B 96 -18.41 6.15 6.54
N PHE B 97 -17.17 5.73 6.23
CA PHE B 97 -16.19 6.69 5.66
C PHE B 97 -15.42 6.01 4.51
N PRO B 98 -16.12 5.61 3.44
CA PRO B 98 -15.44 4.98 2.33
C PRO B 98 -14.56 6.00 1.60
N LEU B 99 -13.31 5.63 1.35
CA LEU B 99 -12.33 6.54 0.79
C LEU B 99 -12.09 6.32 -0.69
N GLN B 100 -11.95 7.44 -1.42
CA GLN B 100 -11.51 7.45 -2.82
C GLN B 100 -10.52 8.55 -3.03
N LEU B 101 -9.62 8.33 -3.96
CA LEU B 101 -8.78 9.40 -4.50
C LEU B 101 -9.73 10.49 -4.99
N THR B 102 -9.36 11.72 -4.69
CA THR B 102 -10.17 12.91 -4.93
C THR B 102 -9.31 13.96 -5.66
N VAL B 103 -9.87 14.57 -6.70
CA VAL B 103 -9.19 15.50 -7.57
C VAL B 103 -10.09 16.70 -7.89
N LEU B 104 -9.57 17.73 -8.54
CA LEU B 104 -10.43 18.77 -9.10
C LEU B 104 -11.46 18.14 -10.02
N ASP B 105 -12.69 18.67 -10.02
CA ASP B 105 -13.71 18.16 -10.91
C ASP B 105 -13.26 18.31 -12.37
N SER B 106 -12.44 19.34 -12.66
CA SER B 106 -11.95 19.57 -14.01
C SER B 106 -10.86 18.63 -14.46
N ASN B 107 -10.32 17.82 -13.54
CA ASN B 107 -9.25 16.91 -13.88
C ASN B 107 -9.70 15.82 -14.85
N ASN B 108 -8.89 15.53 -15.86
CA ASN B 108 -9.10 14.42 -16.79
C ASN B 108 -8.02 13.34 -16.81
N SER B 109 -6.94 13.57 -16.06
CA SER B 109 -5.71 12.78 -16.15
C SER B 109 -5.56 11.74 -15.04
N ILE B 110 -6.34 11.83 -13.99
CA ILE B 110 -6.23 10.90 -12.84
C ILE B 110 -7.51 10.11 -12.66
N ASN B 111 -7.41 8.82 -12.88
CA ASN B 111 -8.53 7.91 -12.71
C ASN B 111 -8.29 6.84 -11.68
N SER B 112 -7.07 6.77 -11.20
CA SER B 112 -6.70 5.89 -10.12
C SER B 112 -5.36 6.30 -9.60
N THR B 113 -4.90 5.63 -8.54
CA THR B 113 -3.61 5.92 -8.01
C THR B 113 -2.46 5.60 -8.98
N LYS B 114 -2.72 4.75 -9.97
CA LYS B 114 -1.68 4.43 -10.96
C LYS B 114 -1.33 5.64 -11.82
N ASP B 115 -2.19 6.68 -11.81
CA ASP B 115 -1.94 7.93 -12.54
C ASP B 115 -1.16 9.00 -11.77
N LEU B 116 -0.60 8.61 -10.63
CA LEU B 116 0.07 9.58 -9.72
C LEU B 116 1.58 9.65 -9.85
N ALA B 117 2.20 9.00 -10.84
CA ALA B 117 3.66 9.01 -10.92
C ALA B 117 4.14 10.43 -11.02
N GLY B 118 5.01 10.83 -10.13
CA GLY B 118 5.65 12.14 -10.10
C GLY B 118 4.77 13.26 -9.55
N LYS B 119 3.63 12.91 -8.95
CA LYS B 119 2.68 13.85 -8.44
C LYS B 119 2.68 13.89 -6.90
N ARG B 120 1.99 14.85 -6.34
CA ARG B 120 1.95 15.17 -4.92
C ARG B 120 0.51 15.06 -4.43
N VAL B 121 0.26 14.15 -3.49
CA VAL B 121 -1.04 13.96 -2.90
C VAL B 121 -0.99 14.52 -1.49
N ILE B 122 -1.98 15.30 -1.10
CA ILE B 122 -2.08 15.89 0.24
C ILE B 122 -3.11 15.16 1.07
N THR B 123 -2.77 14.91 2.32
CA THR B 123 -3.68 14.26 3.25
C THR B 123 -3.41 14.77 4.67
N SER B 124 -4.15 14.23 5.64
CA SER B 124 -3.95 14.57 7.04
CA SER B 124 -3.96 14.56 7.04
C SER B 124 -3.04 13.53 7.67
N ALA B 125 -1.99 13.99 8.31
CA ALA B 125 -1.02 13.08 8.95
C ALA B 125 -1.72 12.26 10.03
N THR B 126 -1.42 10.97 10.05
CA THR B 126 -1.91 9.96 11.01
C THR B 126 -3.31 9.50 10.66
N SER B 127 -3.90 10.04 9.59
CA SER B 127 -5.24 9.58 9.20
C SER B 127 -5.21 8.20 8.59
N ASN B 128 -6.36 7.52 8.56
CA ASN B 128 -6.41 6.24 7.89
C ASN B 128 -6.13 6.39 6.39
N GLY B 129 -6.60 7.48 5.79
CA GLY B 129 -6.35 7.76 4.39
C GLY B 129 -4.84 7.87 4.12
N ALA B 130 -4.10 8.51 5.04
CA ALA B 130 -2.65 8.58 4.90
C ALA B 130 -2.02 7.16 4.86
N LEU B 131 -2.51 6.23 5.68
CA LEU B 131 -1.99 4.87 5.74
C LEU B 131 -2.37 4.11 4.47
N VAL B 132 -3.61 4.26 4.04
CA VAL B 132 -4.09 3.63 2.80
C VAL B 132 -3.20 4.06 1.62
N LEU B 133 -2.94 5.36 1.53
CA LEU B 133 -2.05 5.89 0.49
C LEU B 133 -0.61 5.40 0.63
N LYS B 134 -0.10 5.30 1.87
CA LYS B 134 1.27 4.86 2.12
C LYS B 134 1.45 3.45 1.55
N LYS B 135 0.50 2.57 1.81
CA LYS B 135 0.55 1.18 1.31
C LYS B 135 0.52 1.12 -0.22
N ILE B 136 -0.34 1.92 -0.83
CA ILE B 136 -0.44 1.99 -2.26
C ILE B 136 0.87 2.51 -2.85
N ASN B 137 1.42 3.53 -2.24
CA ASN B 137 2.66 4.10 -2.75
C ASN B 137 3.77 3.04 -2.70
N GLU B 138 3.82 2.24 -1.64
CA GLU B 138 4.82 1.20 -1.57
CA GLU B 138 4.83 1.18 -1.56
C GLU B 138 4.62 0.18 -2.69
N GLU B 139 3.36 -0.21 -2.91
CA GLU B 139 3.04 -1.15 -3.98
CA GLU B 139 3.00 -1.13 -4.00
C GLU B 139 3.44 -0.64 -5.36
N GLN B 140 3.41 0.67 -5.54
CA GLN B 140 3.76 1.30 -6.80
C GLN B 140 5.20 1.77 -6.85
N GLY B 141 6.02 1.33 -5.92
CA GLY B 141 7.45 1.62 -5.97
C GLY B 141 7.83 3.04 -5.52
N ASN B 142 7.03 3.63 -4.64
CA ASN B 142 7.30 4.98 -4.12
C ASN B 142 7.30 5.99 -5.27
N ASN B 143 6.30 5.89 -6.16
CA ASN B 143 6.26 6.73 -7.35
C ASN B 143 5.52 8.03 -7.19
N PHE B 144 4.91 8.27 -6.04
CA PHE B 144 4.32 9.58 -5.75
C PHE B 144 4.76 10.09 -4.38
N GLU B 145 4.45 11.34 -4.09
CA GLU B 145 4.78 12.00 -2.85
C GLU B 145 3.47 12.16 -2.05
N ILE B 146 3.52 11.80 -0.77
CA ILE B 146 2.40 12.01 0.16
C ILE B 146 2.84 13.13 1.09
N ALA B 147 2.14 14.26 0.99
CA ALA B 147 2.37 15.44 1.81
C ALA B 147 1.19 15.62 2.75
N TYR B 148 1.37 16.50 3.74
CA TYR B 148 0.42 16.63 4.81
C TYR B 148 -0.07 18.06 5.00
N GLU B 149 -1.33 18.16 5.45
CA GLU B 149 -1.84 19.42 5.93
CA GLU B 149 -1.91 19.40 5.94
C GLU B 149 -0.98 19.92 7.06
N GLY B 150 -0.68 21.21 7.06
CA GLY B 150 0.07 21.79 8.16
C GLY B 150 -0.80 21.91 9.40
N GLN B 151 -0.18 22.38 10.46
CA GLN B 151 -0.88 22.71 11.70
CA GLN B 151 -0.90 22.66 11.69
C GLN B 151 -1.87 23.86 11.46
N GLY B 152 -3.01 23.81 12.15
CA GLY B 152 -3.97 24.89 12.14
C GLY B 152 -4.56 25.20 10.79
N SER B 153 -4.62 24.21 9.94
CA SER B 153 -4.80 24.50 8.52
C SER B 153 -5.76 23.49 7.95
N ASN B 154 -6.63 24.00 7.07
CA ASN B 154 -7.31 23.22 6.11
C ASN B 154 -7.07 23.87 4.72
N ASP B 155 -5.89 23.58 4.16
CA ASP B 155 -5.42 24.15 2.89
CA ASP B 155 -5.46 24.17 2.88
C ASP B 155 -5.61 23.22 1.69
N THR B 156 -6.17 22.03 1.89
CA THR B 156 -6.31 21.02 0.83
C THR B 156 -7.03 21.57 -0.37
N ALA B 157 -8.23 22.14 -0.21
CA ALA B 157 -8.96 22.63 -1.36
C ALA B 157 -8.15 23.67 -2.15
N ASN B 158 -7.53 24.62 -1.44
CA ASN B 158 -6.69 25.63 -2.09
CA ASN B 158 -6.70 25.63 -2.07
C ASN B 158 -5.55 25.00 -2.84
N GLN B 159 -4.89 24.00 -2.22
CA GLN B 159 -3.76 23.36 -2.89
C GLN B 159 -4.21 22.62 -4.15
N LEU B 160 -5.39 21.99 -4.10
CA LEU B 160 -5.91 21.38 -5.34
C LEU B 160 -6.19 22.45 -6.40
N LYS B 161 -6.79 23.58 -5.97
CA LYS B 161 -7.09 24.69 -6.89
CA LYS B 161 -7.10 24.62 -6.95
C LYS B 161 -5.86 25.16 -7.63
N THR B 162 -4.80 25.41 -6.88
CA THR B 162 -3.60 26.02 -7.45
C THR B 162 -2.74 25.01 -8.23
N GLY B 163 -2.92 23.73 -7.96
CA GLY B 163 -2.05 22.69 -8.47
C GLY B 163 -0.85 22.38 -7.59
N ARG B 164 -0.76 23.00 -6.42
CA ARG B 164 0.31 22.62 -5.48
C ARG B 164 0.13 21.16 -5.08
N ALA B 165 -1.11 20.68 -4.98
CA ALA B 165 -1.41 19.26 -4.77
C ALA B 165 -2.17 18.77 -6.03
N ASP B 166 -1.82 17.58 -6.49
CA ASP B 166 -2.47 16.93 -7.62
C ASP B 166 -3.76 16.17 -7.23
N ALA B 167 -3.84 15.76 -5.97
CA ALA B 167 -4.95 14.95 -5.52
C ALA B 167 -4.95 14.95 -3.99
N THR B 168 -6.02 14.43 -3.43
CA THR B 168 -6.15 14.12 -2.02
C THR B 168 -6.91 12.78 -1.88
N ILE B 169 -7.31 12.43 -0.67
CA ILE B 169 -8.12 11.23 -0.41
C ILE B 169 -9.25 11.70 0.48
N SER B 170 -10.46 11.34 0.15
CA SER B 170 -11.59 11.81 0.93
C SER B 170 -12.80 10.86 0.73
N THR B 171 -13.94 11.29 1.25
CA THR B 171 -15.14 10.48 1.22
C THR B 171 -16.28 11.29 0.60
N PRO B 172 -17.25 10.64 -0.09
CA PRO B 172 -18.28 11.44 -0.77
C PRO B 172 -19.08 12.44 0.06
N PHE B 173 -19.43 12.14 1.32
CA PHE B 173 -20.24 13.13 2.06
C PHE B 173 -19.47 14.42 2.19
N ALA B 174 -18.16 14.29 2.39
CA ALA B 174 -17.31 15.48 2.64
C ALA B 174 -17.08 16.23 1.34
N VAL B 175 -16.85 15.48 0.26
CA VAL B 175 -16.65 16.09 -1.07
C VAL B 175 -17.95 16.83 -1.44
N ASP B 176 -19.09 16.20 -1.23
CA ASP B 176 -20.36 16.83 -1.63
C ASP B 176 -20.61 18.12 -0.86
N PHE B 177 -20.31 18.09 0.44
CA PHE B 177 -20.50 19.31 1.22
C PHE B 177 -19.55 20.44 0.76
N GLN B 178 -18.31 20.10 0.49
CA GLN B 178 -17.34 21.05 -0.06
C GLN B 178 -17.89 21.74 -1.32
N ASN B 179 -18.39 20.93 -2.23
CA ASN B 179 -18.91 21.42 -3.49
C ASN B 179 -20.10 22.33 -3.32
N LYS B 180 -20.91 22.09 -2.29
CA LYS B 180 -22.09 22.94 -2.02
CA LYS B 180 -22.08 22.94 -2.00
C LYS B 180 -21.64 24.31 -1.53
N THR B 181 -20.54 24.32 -0.77
CA THR B 181 -20.12 25.46 0.05
C THR B 181 -18.86 26.15 -0.46
N SER B 182 -18.34 25.71 -1.60
CA SER B 182 -17.06 26.22 -2.12
C SER B 182 -17.13 26.41 -3.65
N ALA B 183 -16.41 27.42 -4.16
CA ALA B 183 -16.23 27.58 -5.61
C ALA B 183 -15.20 26.54 -6.14
N ILE B 184 -14.45 25.91 -5.21
CA ILE B 184 -13.46 24.89 -5.57
C ILE B 184 -14.26 23.58 -5.62
N LYS B 185 -14.47 23.08 -6.82
CA LYS B 185 -15.22 21.76 -7.01
C LYS B 185 -14.27 20.58 -7.19
N GLU B 186 -14.57 19.54 -6.44
CA GLU B 186 -13.79 18.35 -6.34
C GLU B 186 -14.65 17.17 -6.79
N LYS B 187 -14.00 16.05 -7.08
CA LYS B 187 -14.73 14.83 -7.37
C LYS B 187 -13.92 13.64 -6.90
N VAL B 188 -14.63 12.59 -6.50
CA VAL B 188 -14.01 11.30 -6.29
C VAL B 188 -13.76 10.57 -7.63
N VAL B 189 -12.67 9.84 -7.72
CA VAL B 189 -12.35 9.02 -8.88
C VAL B 189 -11.86 7.67 -8.42
N GLY B 190 -11.89 6.70 -9.33
CA GLY B 190 -11.36 5.40 -9.04
C GLY B 190 -12.20 4.57 -8.11
N ASP B 191 -11.62 3.46 -7.73
CA ASP B 191 -12.30 2.48 -6.93
C ASP B 191 -12.25 2.92 -5.46
N VAL B 192 -13.20 2.43 -4.70
CA VAL B 192 -13.15 2.60 -3.25
C VAL B 192 -11.86 1.91 -2.75
N LEU B 193 -11.10 2.67 -1.98
CA LEU B 193 -9.79 2.26 -1.49
C LEU B 193 -9.84 1.69 -0.08
N SER B 194 -10.90 2.02 0.65
CA SER B 194 -11.12 1.49 2.02
CA SER B 194 -11.08 1.58 2.07
C SER B 194 -12.54 1.81 2.41
N ASN B 195 -13.11 0.96 3.28
CA ASN B 195 -14.51 1.09 3.64
C ASN B 195 -14.76 0.86 5.12
N ALA B 196 -14.00 1.55 5.95
CA ALA B 196 -14.10 1.46 7.38
C ALA B 196 -15.32 2.23 7.88
N LYS B 197 -15.86 1.75 9.00
CA LYS B 197 -16.84 2.50 9.76
C LYS B 197 -16.17 3.38 10.78
N VAL B 198 -16.95 4.34 11.26
CA VAL B 198 -16.52 5.37 12.20
C VAL B 198 -17.01 5.06 13.60
N TYR B 199 -16.09 5.17 14.55
CA TYR B 199 -16.37 4.94 15.97
C TYR B 199 -15.60 5.94 16.81
N PHE B 200 -15.90 5.97 18.11
CA PHE B 200 -15.05 6.70 19.05
C PHE B 200 -13.82 5.86 19.38
N MET B 201 -12.71 6.55 19.69
CA MET B 201 -11.51 5.90 20.11
C MET B 201 -11.23 6.25 21.56
N LEU B 202 -10.76 5.24 22.30
CA LEU B 202 -10.50 5.37 23.75
C LEU B 202 -9.18 4.64 24.08
N GLY B 203 -8.62 4.89 25.26
CA GLY B 203 -7.56 4.04 25.78
C GLY B 203 -8.04 2.62 26.04
N LYS B 204 -7.15 1.64 25.94
CA LYS B 204 -7.56 0.24 26.08
C LYS B 204 -8.12 -0.07 27.46
N ASP B 205 -7.77 0.73 28.47
CA ASP B 205 -8.32 0.36 29.76
CA ASP B 205 -8.23 0.56 29.86
C ASP B 205 -9.66 1.03 30.08
N GLU B 206 -10.20 1.79 29.13
CA GLU B 206 -11.48 2.51 29.33
C GLU B 206 -12.70 1.71 28.85
N THR B 207 -12.72 0.44 29.20
CA THR B 207 -13.80 -0.48 28.87
CA THR B 207 -13.83 -0.43 28.82
C THR B 207 -15.18 -0.04 29.45
N LYS B 208 -15.20 0.46 30.68
CA LYS B 208 -16.46 0.90 31.30
C LYS B 208 -17.04 2.10 30.55
N LEU B 209 -16.21 3.11 30.27
CA LEU B 209 -16.66 4.31 29.57
C LEU B 209 -17.13 3.91 28.17
N SER B 210 -16.36 3.06 27.51
CA SER B 210 -16.77 2.60 26.19
C SER B 210 -18.15 1.95 26.16
N LYS B 211 -18.42 1.08 27.15
CA LYS B 211 -19.71 0.43 27.28
CA LYS B 211 -19.71 0.43 27.28
C LYS B 211 -20.83 1.47 27.50
N LYS B 212 -20.58 2.45 28.36
CA LYS B 212 -21.56 3.53 28.60
C LYS B 212 -21.83 4.34 27.36
N VAL B 213 -20.76 4.64 26.60
CA VAL B 213 -20.93 5.36 25.34
C VAL B 213 -21.82 4.56 24.37
N ASP B 214 -21.57 3.25 24.27
CA ASP B 214 -22.39 2.39 23.42
C ASP B 214 -23.86 2.35 23.85
N GLU B 215 -24.10 2.33 25.17
CA GLU B 215 -25.50 2.34 25.68
C GLU B 215 -26.20 3.63 25.25
N ALA B 216 -25.51 4.75 25.41
CA ALA B 216 -26.08 6.07 25.04
C ALA B 216 -26.32 6.12 23.53
N LEU B 217 -25.31 5.71 22.77
CA LEU B 217 -25.40 5.72 21.32
C LEU B 217 -26.54 4.81 20.83
N GLN B 218 -26.70 3.63 21.44
CA GLN B 218 -27.78 2.72 21.03
C GLN B 218 -29.14 3.39 21.32
N SER B 219 -29.26 4.11 22.44
CA SER B 219 -30.50 4.80 22.75
CA SER B 219 -30.51 4.79 22.74
C SER B 219 -30.79 5.92 21.73
N ILE B 220 -29.72 6.59 21.28
CA ILE B 220 -29.80 7.65 20.25
C ILE B 220 -30.21 7.08 18.89
N ILE B 221 -29.74 5.89 18.57
CA ILE B 221 -30.20 5.21 17.36
C ILE B 221 -31.66 4.81 17.50
N ASP B 222 -31.99 4.21 18.64
CA ASP B 222 -33.30 3.58 18.81
C ASP B 222 -34.46 4.55 18.82
N ASP B 223 -34.24 5.78 19.30
CA ASP B 223 -35.30 6.79 19.32
C ASP B 223 -35.35 7.67 18.07
N GLY B 224 -34.50 7.34 17.08
CA GLY B 224 -34.41 8.09 15.84
C GLY B 224 -33.56 9.34 15.81
N THR B 225 -32.86 9.58 16.91
CA THR B 225 -32.03 10.78 17.02
C THR B 225 -30.83 10.73 16.05
N LEU B 226 -30.24 9.56 15.85
CA LEU B 226 -29.07 9.51 14.97
C LEU B 226 -29.48 9.73 13.56
N LYS B 227 -30.66 9.24 13.17
CA LYS B 227 -31.17 9.55 11.81
C LYS B 227 -31.33 11.05 11.60
N LYS B 228 -31.88 11.74 12.59
CA LYS B 228 -32.03 13.19 12.48
C LYS B 228 -30.70 13.96 12.48
N LEU B 229 -29.81 13.58 13.37
CA LEU B 229 -28.51 14.24 13.49
CA LEU B 229 -28.48 14.23 13.49
C LEU B 229 -27.70 14.07 12.20
N SER B 230 -27.73 12.86 11.66
CA SER B 230 -26.95 12.60 10.44
C SER B 230 -27.56 13.32 9.25
N GLU B 231 -28.88 13.43 9.20
CA GLU B 231 -29.48 14.19 8.10
C GLU B 231 -29.07 15.66 8.16
N LYS B 232 -29.10 16.24 9.36
CA LYS B 232 -28.76 17.63 9.56
C LYS B 232 -27.34 17.96 9.10
N TRP B 233 -26.38 17.09 9.49
CA TRP B 233 -24.98 17.40 9.31
C TRP B 233 -24.35 16.76 8.10
N LEU B 234 -24.79 15.56 7.70
CA LEU B 234 -24.17 14.85 6.59
C LEU B 234 -24.99 14.94 5.29
N GLY B 235 -26.28 15.25 5.40
CA GLY B 235 -27.17 15.28 4.27
C GLY B 235 -28.01 14.02 4.18
N ALA B 236 -29.19 14.13 3.58
CA ALA B 236 -30.12 13.00 3.41
C ALA B 236 -29.47 11.82 2.74
N ASP B 237 -28.60 12.07 1.74
CA ASP B 237 -27.98 10.99 0.97
C ASP B 237 -27.07 10.12 1.83
N TYR B 238 -26.62 10.68 2.97
CA TYR B 238 -25.64 10.04 3.84
C TYR B 238 -26.17 9.71 5.25
N SER B 239 -27.45 9.90 5.42
CA SER B 239 -28.13 9.73 6.66
C SER B 239 -28.79 8.34 6.76
N LYS B 240 -28.53 7.66 7.86
CA LYS B 240 -29.07 6.33 8.13
C LYS B 240 -29.61 6.24 9.56
N GLU B 241 -30.52 5.30 9.79
CA GLU B 241 -31.00 5.01 11.13
C GLU B 241 -29.87 4.53 12.04
N GLN B 242 -28.99 3.71 11.45
CA GLN B 242 -27.87 3.10 12.15
C GLN B 242 -26.80 2.87 11.09
N TYR B 243 -25.59 2.66 11.56
CA TYR B 243 -24.41 2.43 10.72
C TYR B 243 -23.73 1.12 11.06
CL CL C . 23.99 -5.27 -33.62
NA NA D . 27.52 -4.86 -28.08
N HIS E . 10.32 -12.33 -10.48
CA HIS E . 9.96 -11.04 -9.80
C HIS E . 8.96 -10.24 -10.56
O HIS E . 8.68 -10.57 -11.71
CB HIS E . 11.21 -10.21 -9.59
CG HIS E . 11.92 -10.57 -8.31
ND1 HIS E . 12.44 -11.78 -8.11
CD2 HIS E . 12.13 -9.84 -7.11
CE1 HIS E . 12.97 -11.84 -6.87
NE2 HIS E . 12.79 -10.65 -6.28
OXT HIS E . 8.39 -9.27 -10.00
N CSX F . 10.32 -12.42 -10.20
CA CSX F . 10.12 -11.08 -9.61
CB CSX F . 11.42 -10.29 -9.68
SG CSX F . 12.71 -11.10 -8.85
C CSX F . 9.06 -10.33 -10.38
O CSX F . 8.82 -10.66 -11.57
OXT CSX F . 8.43 -9.41 -9.83
OD CSX F . 12.16 -11.40 -7.47
N HIS G . -11.55 9.65 8.98
CA HIS G . -10.13 9.98 9.36
C HIS G . -9.43 8.87 10.06
O HIS G . -10.06 7.95 10.54
CB HIS G . -10.07 11.25 10.20
CG HIS G . -10.18 12.53 9.38
ND1 HIS G . -11.29 12.81 8.67
CD2 HIS G . -9.25 13.55 9.09
CE1 HIS G . -11.08 13.98 7.97
NE2 HIS G . -9.85 14.44 8.28
OXT HIS G . -8.20 8.92 10.17
N CSX H . -11.61 9.62 8.94
CA CSX H . -10.25 10.12 9.30
CB CSX H . -10.40 11.32 10.22
SG CSX H . -11.31 12.58 9.48
C CSX H . -9.48 9.04 10.00
O CSX H . -10.06 8.08 10.49
OXT CSX H . -8.25 9.11 10.09
OD CSX H . -10.37 13.15 8.42
CL CL I . -24.33 7.51 33.63
NA NA J . -23.62 13.60 31.26
#